data_5TJD
#
_entry.id   5TJD
#
_cell.length_a   51.605
_cell.length_b   66.637
_cell.length_c   66.091
_cell.angle_alpha   90.00
_cell.angle_beta   107.00
_cell.angle_gamma   90.00
#
_symmetry.space_group_name_H-M   'P 1 21 1'
#
loop_
_entity.id
_entity.type
_entity.pdbx_description
1 polymer 'FAB A.17 L47K mutant HEAVY CHAIN'
2 polymer 'FAB A.17 L47K mutant Light Chain'
3 water water
#
loop_
_entity_poly.entity_id
_entity_poly.type
_entity_poly.pdbx_seq_one_letter_code
_entity_poly.pdbx_strand_id
1 'polypeptide(L)'
;QVQLQESGPGLVKPSETLSLTCAVSGYSISSGYYWGWIRQPPGKGLEWIGSIYHSGSTYYNPSLKSRVTISVDTSKNQFS
LKLSSVTAADTAVYYCAGLTQSSHNDANWGQGTLTTVSSASTKGPSVFPLAPSSKSTSGGTAALGCLVKDYFPEPVTVSW
NSGALTSGVHTFPAVLQSSGLYSLSSVVTVPSSSLGTQTYICNVNHKPSNTKVDKKVEPKSCLEHVDHHHHHH
;
H
2 'polypeptide(L)'
;QSVLTQPPSVSAAPGQKVTISCSGSSSNIGNNYVSWYQQLPGTAPKKLIYDNNKRPSGIPDRFSGSKSGTSATLGITGLQ
TGDEADYYCGTWDSSLNPVFGGGTKLEIKRTVAAPSVFIFPPSDEQLKSGTASVVCLLNNFYPREAKVQWKVDNALQSGN
SQESVTEQDSKDSTYSLSSTLTLSKADYEKHKVYACEVTHQGLSSPVTKSFNRGECIDAAAAASFLEQKLISEEDLNSAV
DHHHHHH
;
L
#
# COMPACT_ATOMS: atom_id res chain seq x y z
N VAL A 2 17.38 15.07 9.93
CA VAL A 2 16.14 15.13 10.70
C VAL A 2 15.20 13.99 10.31
N GLN A 3 14.75 13.23 11.31
CA GLN A 3 13.87 12.10 11.07
C GLN A 3 12.77 12.01 12.12
N LEU A 4 11.56 11.73 11.67
CA LEU A 4 10.42 11.51 12.56
C LEU A 4 10.00 10.04 12.51
N GLN A 5 9.66 9.48 13.68
CA GLN A 5 9.34 8.05 13.77
C GLN A 5 8.15 7.81 14.70
N GLU A 6 7.04 7.39 14.12
CA GLU A 6 5.84 7.06 14.89
C GLU A 6 5.99 5.71 15.60
N SER A 7 5.25 5.54 16.69
CA SER A 7 5.17 4.24 17.36
C SER A 7 4.52 3.21 16.43
N GLY A 8 4.92 1.96 16.58
CA GLY A 8 4.51 0.90 15.66
C GLY A 8 3.01 0.70 15.51
N PRO A 9 2.59 0.07 14.40
CA PRO A 9 1.17 -0.18 14.09
C PRO A 9 0.52 -1.09 15.12
N GLY A 10 -0.75 -0.83 15.43
CA GLY A 10 -1.44 -1.59 16.45
C GLY A 10 -2.94 -1.62 16.30
N LEU A 11 -3.59 -2.26 17.26
CA LEU A 11 -5.05 -2.42 17.26
C LEU A 11 -5.66 -1.71 18.46
N VAL A 12 -6.74 -0.99 18.23
CA VAL A 12 -7.46 -0.32 19.30
C VAL A 12 -8.94 -0.70 19.27
N LYS A 13 -9.46 -1.16 20.41
CA LYS A 13 -10.86 -1.56 20.51
C LYS A 13 -11.80 -0.36 20.39
N PRO A 14 -13.10 -0.61 20.16
CA PRO A 14 -14.01 0.53 20.15
C PRO A 14 -14.11 1.24 21.50
N SER A 15 -14.23 2.56 21.45
CA SER A 15 -14.48 3.42 22.61
C SER A 15 -13.35 3.53 23.64
N GLU A 16 -12.16 3.00 23.34
CA GLU A 16 -11.01 3.29 24.21
C GLU A 16 -10.17 4.39 23.58
N THR A 17 -9.00 4.64 24.16
CA THR A 17 -8.20 5.82 23.79
C THR A 17 -6.93 5.49 23.02
N LEU A 18 -6.89 5.90 21.76
CA LEU A 18 -5.70 5.72 20.92
C LEU A 18 -4.57 6.61 21.39
N SER A 19 -3.38 6.03 21.53
CA SER A 19 -2.22 6.78 21.98
C SER A 19 -1.03 6.53 21.06
N LEU A 20 -0.51 7.60 20.45
CA LEU A 20 0.64 7.52 19.58
C LEU A 20 1.74 8.48 20.01
N THR A 21 2.99 8.11 19.73
CA THR A 21 4.12 8.99 19.99
C THR A 21 4.96 9.16 18.72
N CYS A 22 5.61 10.31 18.61
CA CYS A 22 6.47 10.60 17.47
C CYS A 22 7.86 11.01 17.96
N ALA A 23 8.83 10.12 17.80
CA ALA A 23 10.20 10.40 18.23
C ALA A 23 10.92 11.25 17.19
N VAL A 24 11.38 12.42 17.60
CA VAL A 24 12.13 13.30 16.72
C VAL A 24 13.63 13.07 16.85
N SER A 25 14.30 12.87 15.73
CA SER A 25 15.74 12.61 15.72
C SER A 25 16.49 13.64 14.87
N GLY A 26 17.59 14.15 15.42
CA GLY A 26 18.44 15.07 14.68
C GLY A 26 17.96 16.51 14.76
N TYR A 27 17.06 16.78 15.69
CA TYR A 27 16.49 18.12 15.84
C TYR A 27 15.78 18.24 17.18
N SER A 28 16.11 19.28 17.95
CA SER A 28 15.45 19.52 19.22
C SER A 28 14.00 19.92 18.98
N ILE A 29 13.08 19.35 19.76
CA ILE A 29 11.66 19.52 19.50
C ILE A 29 11.16 20.93 19.85
N SER A 30 11.95 21.66 20.64
CA SER A 30 11.56 23.00 21.04
C SER A 30 11.99 24.05 20.01
N SER A 31 12.70 23.60 18.98
CA SER A 31 13.23 24.51 17.98
C SER A 31 12.42 24.51 16.69
N GLY A 32 11.27 23.84 16.71
CA GLY A 32 10.44 23.75 15.52
C GLY A 32 9.30 24.74 15.52
N TYR A 33 8.88 25.16 14.32
CA TYR A 33 7.71 26.01 14.17
C TYR A 33 6.50 25.35 14.81
N TYR A 34 6.23 24.11 14.42
CA TYR A 34 5.13 23.34 14.98
C TYR A 34 5.36 21.84 14.84
N TRP A 35 4.53 21.07 15.51
CA TRP A 35 4.49 19.62 15.33
C TRP A 35 3.02 19.20 15.31
N GLY A 36 2.69 18.18 14.53
CA GLY A 36 1.29 17.79 14.40
C GLY A 36 1.02 16.41 13.84
N TRP A 37 -0.26 16.10 13.71
CA TRP A 37 -0.68 14.82 13.22
C TRP A 37 -1.69 14.98 12.08
N ILE A 38 -1.54 14.11 11.08
CA ILE A 38 -2.46 14.03 9.95
C ILE A 38 -2.76 12.55 9.73
N ARG A 39 -4.02 12.19 9.55
CA ARG A 39 -4.36 10.79 9.31
C ARG A 39 -4.97 10.58 7.94
N GLN A 40 -4.91 9.33 7.46
CA GLN A 40 -5.42 8.99 6.15
C GLN A 40 -6.15 7.65 6.20
N PRO A 41 -7.49 7.69 6.15
CA PRO A 41 -8.29 6.46 6.11
C PRO A 41 -7.94 5.62 4.89
N PRO A 42 -8.06 4.28 4.99
CA PRO A 42 -7.75 3.36 3.89
C PRO A 42 -8.42 3.77 2.58
N GLY A 43 -7.62 3.98 1.54
CA GLY A 43 -8.12 4.35 0.23
C GLY A 43 -8.65 5.78 0.11
N LYS A 44 -8.50 6.56 1.17
CA LYS A 44 -9.00 7.94 1.16
C LYS A 44 -7.89 8.97 1.22
N GLY A 45 -8.30 10.25 1.34
CA GLY A 45 -7.36 11.35 1.33
C GLY A 45 -6.87 11.75 2.71
N LEU A 46 -6.25 12.91 2.80
CA LEU A 46 -5.62 13.35 4.05
C LEU A 46 -6.57 14.15 4.93
N GLU A 47 -6.51 13.90 6.23
CA GLU A 47 -7.27 14.65 7.21
C GLU A 47 -6.36 15.21 8.30
N TRP A 48 -6.36 16.53 8.43
CA TRP A 48 -5.59 17.18 9.48
C TRP A 48 -6.25 16.95 10.83
N ILE A 49 -5.44 16.57 11.82
CA ILE A 49 -5.98 16.28 13.14
C ILE A 49 -5.71 17.42 14.12
N GLY A 50 -4.46 17.86 14.19
CA GLY A 50 -4.09 18.94 15.09
C GLY A 50 -2.63 19.30 14.99
N SER A 51 -2.28 20.44 15.55
CA SER A 51 -0.90 20.92 15.60
C SER A 51 -0.61 21.56 16.95
N ILE A 52 0.64 21.49 17.38
CA ILE A 52 1.09 22.20 18.56
C ILE A 52 2.23 23.12 18.15
N TYR A 53 2.15 24.39 18.57
CA TYR A 53 3.04 25.41 18.03
C TYR A 53 4.24 25.70 18.93
N HIS A 54 5.06 26.64 18.47
CA HIS A 54 6.31 27.01 19.14
C HIS A 54 6.15 27.30 20.63
N SER A 55 5.08 27.99 20.98
CA SER A 55 4.85 28.39 22.37
C SER A 55 4.18 27.30 23.20
N GLY A 56 3.60 26.32 22.52
CA GLY A 56 2.84 25.28 23.20
C GLY A 56 1.36 25.40 22.91
N SER A 57 0.98 26.48 22.25
CA SER A 57 -0.42 26.68 21.86
C SER A 57 -0.86 25.60 20.87
N THR A 58 -2.04 25.05 21.09
CA THR A 58 -2.53 23.94 20.29
C THR A 58 -3.79 24.28 19.50
N TYR A 59 -3.87 23.74 18.28
CA TYR A 59 -5.07 23.89 17.45
C TYR A 59 -5.48 22.53 16.94
N TYR A 60 -6.77 22.22 17.09
CA TYR A 60 -7.29 20.90 16.74
C TYR A 60 -8.35 20.97 15.65
N ASN A 61 -8.48 19.88 14.90
CA ASN A 61 -9.57 19.73 13.95
C ASN A 61 -10.90 19.85 14.70
N PRO A 62 -11.72 20.85 14.33
CA PRO A 62 -13.00 21.17 14.99
C PRO A 62 -13.93 19.96 15.18
N SER A 63 -13.99 19.06 14.20
CA SER A 63 -14.87 17.90 14.32
C SER A 63 -14.27 16.83 15.22
N LEU A 64 -13.02 17.03 15.65
CA LEU A 64 -12.34 16.06 16.49
C LEU A 64 -11.88 16.66 17.82
N LYS A 65 -12.06 17.97 17.97
CA LYS A 65 -11.45 18.73 19.07
C LYS A 65 -11.75 18.17 20.46
N SER A 66 -12.94 17.61 20.65
CA SER A 66 -13.37 17.13 21.95
C SER A 66 -12.65 15.85 22.37
N ARG A 67 -11.98 15.20 21.41
CA ARG A 67 -11.33 13.92 21.68
C ARG A 67 -9.81 13.96 21.51
N VAL A 68 -9.28 15.10 21.10
CA VAL A 68 -7.86 15.19 20.75
C VAL A 68 -7.02 15.91 21.80
N THR A 69 -5.87 15.31 22.13
CA THR A 69 -4.87 15.96 22.97
C THR A 69 -3.47 15.76 22.38
N ILE A 70 -2.79 16.86 22.08
CA ILE A 70 -1.42 16.78 21.57
C ILE A 70 -0.46 17.48 22.53
N SER A 71 0.51 16.72 23.02
CA SER A 71 1.48 17.25 23.98
C SER A 71 2.91 16.98 23.52
N VAL A 72 3.86 17.65 24.18
CA VAL A 72 5.28 17.52 23.82
C VAL A 72 6.14 17.13 25.02
N ASP A 73 6.89 16.05 24.88
CA ASP A 73 7.83 15.63 25.92
C ASP A 73 9.23 16.08 25.56
N THR A 74 9.66 17.19 26.13
CA THR A 74 10.95 17.80 25.80
C THR A 74 12.12 16.88 26.14
N SER A 75 12.02 16.16 27.25
CA SER A 75 13.11 15.31 27.72
C SER A 75 13.33 14.13 26.79
N LYS A 76 12.23 13.51 26.34
CA LYS A 76 12.32 12.39 25.41
C LYS A 76 12.44 12.88 23.98
N ASN A 77 12.31 14.20 23.80
CA ASN A 77 12.33 14.84 22.49
C ASN A 77 11.30 14.20 21.56
N GLN A 78 10.09 14.01 22.09
CA GLN A 78 9.00 13.43 21.33
C GLN A 78 7.71 14.21 21.58
N PHE A 79 6.73 14.04 20.70
CA PHE A 79 5.41 14.58 20.95
C PHE A 79 4.34 13.50 20.72
N SER A 80 3.18 13.68 21.34
CA SER A 80 2.18 12.63 21.39
C SER A 80 0.86 13.00 20.74
N LEU A 81 0.02 11.99 20.57
CA LEU A 81 -1.37 12.20 20.16
C LEU A 81 -2.26 11.26 20.95
N LYS A 82 -3.26 11.82 21.62
CA LYS A 82 -4.27 11.05 22.30
C LYS A 82 -5.61 11.26 21.61
N LEU A 83 -6.32 10.17 21.36
CA LEU A 83 -7.65 10.24 20.76
C LEU A 83 -8.56 9.27 21.50
N SER A 84 -9.48 9.80 22.28
CA SER A 84 -10.34 8.97 23.12
C SER A 84 -11.65 8.62 22.43
N SER A 85 -12.38 7.67 23.00
CA SER A 85 -13.69 7.22 22.51
C SER A 85 -13.67 6.91 21.02
N VAL A 86 -12.73 6.08 20.60
CA VAL A 86 -12.55 5.79 19.18
C VAL A 86 -13.64 4.85 18.63
N THR A 87 -13.97 5.04 17.36
CA THR A 87 -14.82 4.11 16.64
C THR A 87 -14.08 3.62 15.40
N ALA A 88 -14.68 2.69 14.66
CA ALA A 88 -14.08 2.13 13.46
C ALA A 88 -13.75 3.22 12.43
N ALA A 89 -14.41 4.37 12.55
CA ALA A 89 -14.17 5.50 11.65
C ALA A 89 -12.81 6.14 11.91
N ASP A 90 -12.18 5.78 13.02
CA ASP A 90 -10.87 6.33 13.35
C ASP A 90 -9.75 5.47 12.80
N THR A 91 -10.12 4.36 12.15
CA THR A 91 -9.14 3.52 11.48
C THR A 91 -8.47 4.28 10.36
N ALA A 92 -7.14 4.41 10.44
CA ALA A 92 -6.38 5.19 9.48
C ALA A 92 -4.89 5.04 9.67
N VAL A 93 -4.14 5.40 8.64
CA VAL A 93 -2.70 5.60 8.78
C VAL A 93 -2.48 6.98 9.37
N TYR A 94 -1.88 7.03 10.55
CA TYR A 94 -1.58 8.31 11.19
C TYR A 94 -0.14 8.72 10.93
N TYR A 95 0.05 9.95 10.48
CA TYR A 95 1.37 10.52 10.27
C TYR A 95 1.64 11.63 11.27
N CYS A 96 2.83 11.63 11.87
CA CYS A 96 3.26 12.81 12.59
C CYS A 96 4.09 13.66 11.63
N ALA A 97 4.06 14.97 11.83
CA ALA A 97 4.77 15.88 10.94
C ALA A 97 5.25 17.10 11.72
N GLY A 98 6.20 17.83 11.13
CA GLY A 98 6.73 19.02 11.78
C GLY A 98 7.55 19.89 10.84
N LEU A 99 7.56 21.20 11.11
CA LEU A 99 8.31 22.15 10.29
C LEU A 99 9.50 22.70 11.08
N THR A 100 10.70 22.53 10.53
CA THR A 100 11.92 22.84 11.25
C THR A 100 12.83 23.85 10.54
N GLN A 101 13.15 24.94 11.24
CA GLN A 101 14.19 25.87 10.82
C GLN A 101 14.54 26.84 11.95
N ASN A 105 10.36 25.47 1.28
CA ASN A 105 10.21 25.09 2.68
C ASN A 105 9.12 24.04 2.86
N ASP A 106 9.52 22.83 3.23
CA ASP A 106 8.59 21.72 3.40
C ASP A 106 8.80 21.01 4.73
N ALA A 107 7.71 20.54 5.32
CA ALA A 107 7.74 19.91 6.64
C ALA A 107 8.38 18.52 6.59
N ASN A 108 8.68 17.98 7.77
CA ASN A 108 9.20 16.63 7.87
C ASN A 108 8.10 15.66 8.28
N TRP A 109 7.89 14.64 7.44
CA TRP A 109 6.85 13.65 7.71
C TRP A 109 7.45 12.38 8.30
N GLY A 110 6.73 11.77 9.23
CA GLY A 110 7.04 10.42 9.67
C GLY A 110 6.57 9.46 8.60
N GLN A 111 6.88 8.18 8.75
CA GLN A 111 6.54 7.21 7.71
C GLN A 111 5.09 6.72 7.83
N GLY A 112 4.45 7.04 8.95
CA GLY A 112 3.06 6.70 9.14
C GLY A 112 2.87 5.36 9.85
N THR A 113 1.80 5.28 10.65
CA THR A 113 1.47 4.04 11.33
C THR A 113 -0.02 3.74 11.18
N LEU A 114 -0.34 2.52 10.77
CA LEU A 114 -1.74 2.14 10.59
C LEU A 114 -2.38 1.72 11.91
N THR A 115 -3.41 2.46 12.31
CA THR A 115 -4.15 2.10 13.52
C THR A 115 -5.53 1.60 13.15
N THR A 116 -5.83 0.38 13.58
CA THR A 116 -7.11 -0.23 13.28
C THR A 116 -8.00 -0.22 14.51
N VAL A 117 -9.23 0.28 14.33
CA VAL A 117 -10.20 0.23 15.40
C VAL A 117 -11.23 -0.85 15.08
N SER A 118 -11.23 -1.92 15.86
CA SER A 118 -12.11 -3.05 15.61
C SER A 118 -12.35 -3.86 16.88
N SER A 119 -13.52 -4.49 16.97
CA SER A 119 -13.85 -5.32 18.11
C SER A 119 -13.29 -6.72 17.95
N ALA A 120 -12.60 -6.95 16.83
CA ALA A 120 -11.90 -8.20 16.59
C ALA A 120 -10.60 -8.19 17.38
N SER A 121 -9.88 -9.30 17.40
CA SER A 121 -8.67 -9.40 18.21
C SER A 121 -7.41 -9.69 17.40
N THR A 122 -6.25 -9.52 18.03
CA THR A 122 -4.97 -9.65 17.35
C THR A 122 -4.60 -11.10 17.08
N LYS A 123 -4.23 -11.40 15.84
CA LYS A 123 -3.76 -12.74 15.47
C LYS A 123 -2.58 -12.70 14.51
N GLY A 124 -1.52 -13.42 14.86
CA GLY A 124 -0.35 -13.53 14.01
C GLY A 124 -0.64 -14.41 12.80
N PRO A 125 0.09 -14.19 11.71
CA PRO A 125 -0.09 -14.93 10.47
C PRO A 125 0.63 -16.27 10.40
N SER A 126 0.07 -17.20 9.64
CA SER A 126 0.79 -18.40 9.23
C SER A 126 1.45 -18.10 7.90
N VAL A 127 2.67 -18.60 7.72
CA VAL A 127 3.40 -18.35 6.48
C VAL A 127 3.64 -19.64 5.71
N PHE A 128 2.98 -19.75 4.55
CA PHE A 128 3.15 -20.91 3.69
C PHE A 128 3.90 -20.52 2.43
N PRO A 129 4.69 -21.46 1.88
CA PRO A 129 5.43 -21.18 0.65
C PRO A 129 4.58 -21.29 -0.61
N LEU A 130 4.88 -20.44 -1.58
CA LEU A 130 4.38 -20.60 -2.94
C LEU A 130 5.51 -21.21 -3.75
N ALA A 131 5.67 -22.53 -3.60
CA ALA A 131 6.84 -23.23 -4.12
C ALA A 131 6.88 -23.26 -5.64
N PRO A 132 8.07 -22.99 -6.21
CA PRO A 132 8.27 -23.03 -7.66
C PRO A 132 8.31 -24.44 -8.21
N SER A 133 7.87 -24.58 -9.46
CA SER A 133 7.91 -25.85 -10.18
C SER A 133 7.68 -25.59 -11.66
N SER A 134 7.45 -26.66 -12.42
CA SER A 134 7.12 -26.53 -13.83
C SER A 134 5.84 -25.71 -14.03
N LYS A 135 4.96 -25.77 -13.04
CA LYS A 135 3.68 -25.06 -13.09
C LYS A 135 3.85 -23.56 -12.93
N SER A 136 4.93 -23.15 -12.27
CA SER A 136 5.24 -21.75 -12.12
C SER A 136 6.52 -21.40 -12.87
N THR A 137 6.67 -21.98 -14.05
CA THR A 137 7.83 -21.73 -14.89
C THR A 137 7.40 -21.28 -16.28
N SER A 138 7.96 -20.16 -16.74
CA SER A 138 7.69 -19.66 -18.07
C SER A 138 9.00 -19.36 -18.78
N GLY A 139 9.43 -20.27 -19.65
CA GLY A 139 10.70 -20.14 -20.32
C GLY A 139 11.87 -20.27 -19.35
N GLY A 140 12.69 -19.23 -19.27
CA GLY A 140 13.84 -19.25 -18.38
C GLY A 140 13.54 -18.62 -17.03
N THR A 141 12.30 -18.18 -16.87
CA THR A 141 11.88 -17.49 -15.65
C THR A 141 10.96 -18.37 -14.78
N ALA A 142 11.27 -18.46 -13.50
CA ALA A 142 10.45 -19.20 -12.55
C ALA A 142 9.86 -18.28 -11.49
N ALA A 143 8.64 -18.57 -11.07
CA ALA A 143 7.98 -17.77 -10.05
C ALA A 143 7.88 -18.53 -8.73
N LEU A 144 8.12 -17.81 -7.64
CA LEU A 144 7.98 -18.37 -6.29
C LEU A 144 7.52 -17.27 -5.35
N GLY A 145 7.04 -17.66 -4.18
CA GLY A 145 6.54 -16.69 -3.24
C GLY A 145 6.19 -17.22 -1.87
N CYS A 146 5.53 -16.38 -1.08
CA CYS A 146 5.08 -16.76 0.25
C CYS A 146 3.63 -16.33 0.46
N LEU A 147 2.86 -17.21 1.08
CA LEU A 147 1.46 -16.92 1.39
C LEU A 147 1.33 -16.59 2.87
N VAL A 148 1.16 -15.31 3.16
CA VAL A 148 0.99 -14.84 4.53
C VAL A 148 -0.50 -14.81 4.86
N LYS A 149 -0.95 -15.77 5.67
CA LYS A 149 -2.38 -16.01 5.80
C LYS A 149 -2.91 -15.95 7.22
N ASP A 150 -4.14 -15.45 7.34
CA ASP A 150 -4.92 -15.46 8.58
C ASP A 150 -4.30 -14.57 9.66
N TYR A 151 -4.15 -13.29 9.37
CA TYR A 151 -3.66 -12.34 10.37
C TYR A 151 -4.61 -11.16 10.54
N PHE A 152 -4.46 -10.47 11.67
CA PHE A 152 -5.27 -9.30 11.98
C PHE A 152 -4.63 -8.56 13.14
N PRO A 153 -4.54 -7.22 13.06
CA PRO A 153 -4.97 -6.43 11.89
C PRO A 153 -3.83 -6.25 10.90
N GLU A 154 -4.06 -5.42 9.89
CA GLU A 154 -2.98 -4.99 9.01
C GLU A 154 -2.06 -4.06 9.79
N PRO A 155 -0.83 -3.84 9.30
CA PRO A 155 -0.21 -4.38 8.09
C PRO A 155 0.80 -5.48 8.39
N VAL A 156 1.36 -6.03 7.32
CA VAL A 156 2.52 -6.89 7.41
C VAL A 156 3.56 -6.36 6.44
N THR A 157 4.82 -6.59 6.74
CA THR A 157 5.88 -6.26 5.82
C THR A 157 6.57 -7.54 5.37
N VAL A 158 6.85 -7.63 4.08
CA VAL A 158 7.55 -8.78 3.53
C VAL A 158 8.77 -8.32 2.76
N SER A 159 9.92 -8.92 3.06
CA SER A 159 11.12 -8.70 2.28
C SER A 159 11.71 -10.03 1.88
N TRP A 160 12.59 -10.02 0.88
CA TRP A 160 13.21 -11.25 0.39
C TRP A 160 14.71 -11.23 0.65
N ASN A 161 15.20 -12.35 1.20
CA ASN A 161 16.62 -12.51 1.54
C ASN A 161 17.16 -11.31 2.31
N SER A 162 16.44 -10.92 3.36
CA SER A 162 16.79 -9.78 4.21
C SER A 162 17.05 -8.49 3.42
N GLY A 163 16.33 -8.31 2.33
CA GLY A 163 16.43 -7.09 1.55
C GLY A 163 17.42 -7.16 0.40
N ALA A 164 18.16 -8.25 0.33
CA ALA A 164 19.15 -8.44 -0.73
C ALA A 164 18.46 -8.65 -2.07
N LEU A 165 17.26 -9.21 -2.03
CA LEU A 165 16.49 -9.45 -3.25
C LEU A 165 15.32 -8.48 -3.33
N THR A 166 15.31 -7.68 -4.40
CA THR A 166 14.28 -6.66 -4.57
C THR A 166 13.75 -6.63 -6.01
N SER A 167 14.61 -7.00 -6.96
CA SER A 167 14.23 -6.97 -8.37
C SER A 167 13.23 -8.08 -8.70
N GLY A 168 12.13 -7.69 -9.35
CA GLY A 168 11.10 -8.63 -9.75
C GLY A 168 10.20 -9.04 -8.61
N VAL A 169 10.29 -8.33 -7.50
CA VAL A 169 9.46 -8.64 -6.33
C VAL A 169 8.11 -7.93 -6.43
N HIS A 170 7.04 -8.68 -6.18
CA HIS A 170 5.70 -8.13 -6.12
C HIS A 170 5.01 -8.56 -4.84
N THR A 171 4.70 -7.60 -3.97
CA THR A 171 3.93 -7.87 -2.77
C THR A 171 2.53 -7.30 -2.96
N PHE A 172 1.53 -8.18 -2.95
CA PHE A 172 0.16 -7.77 -3.29
C PHE A 172 -0.58 -7.22 -2.08
N PRO A 173 -1.53 -6.31 -2.34
CA PRO A 173 -2.44 -5.84 -1.29
C PRO A 173 -3.13 -7.02 -0.61
N ALA A 174 -3.28 -6.96 0.70
CA ALA A 174 -3.95 -8.01 1.44
C ALA A 174 -5.43 -8.03 1.07
N VAL A 175 -6.07 -9.18 1.26
CA VAL A 175 -7.51 -9.24 1.10
C VAL A 175 -8.11 -9.66 2.42
N LEU A 176 -9.30 -9.14 2.72
CA LEU A 176 -10.01 -9.53 3.92
C LEU A 176 -10.89 -10.75 3.62
N GLN A 177 -10.55 -11.87 4.24
CA GLN A 177 -11.31 -13.10 4.03
C GLN A 177 -12.63 -13.04 4.78
N SER A 178 -13.51 -14.00 4.52
CA SER A 178 -14.84 -14.01 5.10
C SER A 178 -14.80 -14.34 6.59
N SER A 179 -13.65 -14.85 7.04
CA SER A 179 -13.44 -15.17 8.45
C SER A 179 -13.12 -13.91 9.26
N GLY A 180 -12.88 -12.81 8.57
CA GLY A 180 -12.50 -11.57 9.22
C GLY A 180 -11.00 -11.41 9.36
N LEU A 181 -10.27 -12.34 8.76
CA LEU A 181 -8.80 -12.32 8.80
C LEU A 181 -8.23 -11.95 7.43
N TYR A 182 -7.09 -11.27 7.44
CA TYR A 182 -6.42 -10.90 6.20
C TYR A 182 -5.54 -12.01 5.64
N SER A 183 -5.32 -11.97 4.33
CA SER A 183 -4.40 -12.89 3.68
C SER A 183 -3.63 -12.14 2.60
N LEU A 184 -2.34 -12.39 2.52
CA LEU A 184 -1.49 -11.66 1.60
C LEU A 184 -0.51 -12.58 0.87
N SER A 185 -0.19 -12.27 -0.38
CA SER A 185 0.80 -13.02 -1.12
C SER A 185 1.94 -12.10 -1.58
N SER A 186 3.15 -12.64 -1.56
CA SER A 186 4.32 -11.92 -2.07
C SER A 186 5.12 -12.83 -2.97
N VAL A 187 5.35 -12.40 -4.21
CA VAL A 187 6.03 -13.24 -5.18
C VAL A 187 7.27 -12.57 -5.77
N VAL A 188 8.13 -13.39 -6.36
CA VAL A 188 9.31 -12.89 -7.03
C VAL A 188 9.66 -13.83 -8.19
N THR A 189 10.10 -13.26 -9.31
CA THR A 189 10.49 -14.06 -10.46
C THR A 189 12.01 -14.12 -10.58
N VAL A 190 12.54 -15.35 -10.65
CA VAL A 190 13.97 -15.59 -10.70
C VAL A 190 14.31 -16.55 -11.84
N PRO A 191 15.59 -16.62 -12.23
CA PRO A 191 15.99 -17.61 -13.23
C PRO A 191 15.72 -19.04 -12.77
N SER A 192 15.22 -19.88 -13.68
CA SER A 192 14.89 -21.27 -13.36
C SER A 192 16.14 -22.04 -12.92
N SER A 193 17.30 -21.60 -13.39
CA SER A 193 18.54 -22.28 -13.08
C SER A 193 18.98 -22.09 -11.64
N SER A 194 18.38 -21.11 -10.97
CA SER A 194 18.77 -20.76 -9.61
C SER A 194 18.01 -21.54 -8.54
N LEU A 195 16.94 -22.21 -8.95
CA LEU A 195 16.03 -22.87 -8.01
C LEU A 195 16.72 -23.89 -7.09
N GLY A 196 17.65 -24.64 -7.64
CA GLY A 196 18.35 -25.65 -6.86
C GLY A 196 19.41 -25.07 -5.94
N THR A 197 20.14 -24.08 -6.43
CA THR A 197 21.26 -23.52 -5.69
C THR A 197 20.89 -22.34 -4.80
N GLN A 198 20.39 -21.26 -5.41
CA GLN A 198 20.09 -20.04 -4.68
C GLN A 198 19.00 -20.25 -3.64
N THR A 199 19.26 -19.80 -2.41
CA THR A 199 18.30 -19.90 -1.33
C THR A 199 17.37 -18.69 -1.35
N TYR A 200 16.06 -18.95 -1.23
CA TYR A 200 15.09 -17.87 -1.20
C TYR A 200 14.28 -17.89 0.09
N ILE A 201 14.41 -16.82 0.86
CA ILE A 201 13.69 -16.69 2.11
C ILE A 201 12.85 -15.42 2.11
N CYS A 202 11.57 -15.54 2.47
CA CYS A 202 10.74 -14.35 2.61
C CYS A 202 10.65 -13.98 4.08
N ASN A 203 11.01 -12.73 4.38
CA ASN A 203 11.01 -12.27 5.76
C ASN A 203 9.69 -11.56 6.07
N VAL A 204 8.93 -12.13 7.01
CA VAL A 204 7.61 -11.62 7.33
C VAL A 204 7.59 -11.00 8.71
N ASN A 205 7.05 -9.79 8.80
CA ASN A 205 6.92 -9.09 10.06
C ASN A 205 5.50 -8.60 10.28
N HIS A 206 4.85 -9.11 11.32
CA HIS A 206 3.53 -8.62 11.72
C HIS A 206 3.64 -7.91 13.06
N LYS A 207 4.04 -6.65 13.02
CA LYS A 207 4.30 -5.86 14.21
C LYS A 207 3.16 -5.82 15.24
N PRO A 208 1.89 -5.70 14.81
CA PRO A 208 0.83 -5.68 15.82
C PRO A 208 0.78 -6.92 16.72
N SER A 209 1.18 -8.08 16.21
CA SER A 209 1.23 -9.29 17.03
C SER A 209 2.66 -9.63 17.43
N ASN A 210 3.59 -8.76 17.05
CA ASN A 210 5.02 -9.00 17.27
C ASN A 210 5.48 -10.34 16.72
N THR A 211 4.91 -10.72 15.57
CA THR A 211 5.27 -11.97 14.92
C THR A 211 6.26 -11.72 13.79
N LYS A 212 7.37 -12.46 13.82
CA LYS A 212 8.35 -12.42 12.75
C LYS A 212 8.67 -13.85 12.30
N VAL A 213 8.71 -14.05 10.99
CA VAL A 213 8.95 -15.36 10.41
C VAL A 213 9.89 -15.24 9.20
N ASP A 214 10.94 -16.05 9.19
CA ASP A 214 11.80 -16.16 8.02
C ASP A 214 11.56 -17.52 7.36
N LYS A 215 10.95 -17.51 6.19
CA LYS A 215 10.49 -18.74 5.55
C LYS A 215 11.25 -19.04 4.26
N LYS A 216 11.99 -20.14 4.26
CA LYS A 216 12.69 -20.59 3.05
C LYS A 216 11.69 -21.21 2.08
N VAL A 217 11.82 -20.85 0.80
CA VAL A 217 10.93 -21.38 -0.23
C VAL A 217 11.71 -22.30 -1.19
N GLU A 218 11.46 -23.60 -1.06
CA GLU A 218 12.18 -24.60 -1.84
C GLU A 218 11.31 -25.19 -2.97
N PRO A 219 11.93 -25.52 -4.11
CA PRO A 219 11.24 -26.05 -5.29
C PRO A 219 10.34 -27.26 -4.98
N LYS A 220 9.23 -27.36 -5.69
CA LYS A 220 8.30 -28.47 -5.52
C LYS A 220 8.69 -29.65 -6.41
N SER A 221 8.44 -30.85 -5.91
CA SER A 221 8.69 -32.06 -6.68
C SER A 221 7.44 -32.46 -7.46
N CYS A 222 7.34 -32.00 -8.71
CA CYS A 222 6.23 -32.38 -9.58
C CYS A 222 6.58 -33.56 -10.47
N SER B 2 -10.22 16.07 3.36
CA SER B 2 -10.57 15.97 1.95
C SER B 2 -11.67 16.97 1.59
N VAL B 3 -11.29 18.24 1.47
CA VAL B 3 -12.25 19.32 1.20
C VAL B 3 -12.14 19.83 -0.24
N LEU B 4 -10.92 19.84 -0.78
CA LEU B 4 -10.68 20.31 -2.13
C LEU B 4 -11.01 19.22 -3.16
N THR B 5 -11.31 19.63 -4.39
CA THR B 5 -11.74 18.70 -5.42
C THR B 5 -10.66 18.45 -6.47
N GLN B 6 -10.28 17.18 -6.61
CA GLN B 6 -9.34 16.76 -7.63
C GLN B 6 -9.96 15.68 -8.50
N PRO B 7 -9.52 15.59 -9.77
CA PRO B 7 -9.94 14.45 -10.60
C PRO B 7 -9.41 13.13 -10.03
N PRO B 8 -10.26 12.09 -10.00
CA PRO B 8 -9.92 10.77 -9.49
C PRO B 8 -8.61 10.21 -10.06
N SER B 9 -8.37 10.42 -11.35
CA SER B 9 -7.15 9.93 -11.98
C SER B 9 -6.79 10.69 -13.25
N VAL B 10 -5.54 10.57 -13.67
CA VAL B 10 -5.04 11.16 -14.91
C VAL B 10 -4.05 10.19 -15.53
N SER B 11 -3.83 10.28 -16.84
CA SER B 11 -2.93 9.36 -17.51
C SER B 11 -2.29 9.93 -18.77
N ALA B 12 -1.05 9.51 -19.03
CA ALA B 12 -0.33 9.86 -20.25
C ALA B 12 0.87 8.94 -20.45
N ALA B 13 1.49 9.01 -21.63
CA ALA B 13 2.62 8.16 -21.98
C ALA B 13 3.92 8.71 -21.38
N PRO B 14 4.95 7.85 -21.26
CA PRO B 14 6.26 8.32 -20.79
C PRO B 14 6.85 9.40 -21.69
N GLY B 15 7.26 10.52 -21.10
CA GLY B 15 7.81 11.62 -21.86
C GLY B 15 6.80 12.70 -22.15
N GLN B 16 5.51 12.37 -21.99
CA GLN B 16 4.45 13.34 -22.22
C GLN B 16 4.20 14.19 -20.99
N LYS B 17 3.15 15.03 -21.04
CA LYS B 17 2.85 15.93 -19.95
C LYS B 17 1.46 15.69 -19.39
N VAL B 18 1.32 15.83 -18.07
CA VAL B 18 0.02 15.77 -17.41
C VAL B 18 -0.22 17.01 -16.58
N THR B 19 -1.49 17.33 -16.36
CA THR B 19 -1.86 18.40 -15.43
C THR B 19 -2.96 17.91 -14.50
N ILE B 20 -2.78 18.19 -13.22
CA ILE B 20 -3.77 17.82 -12.21
C ILE B 20 -4.35 19.08 -11.58
N SER B 21 -5.65 19.30 -11.79
CA SER B 21 -6.30 20.49 -11.26
C SER B 21 -6.77 20.29 -9.84
N CYS B 22 -6.86 21.38 -9.10
CA CYS B 22 -7.36 21.37 -7.73
C CYS B 22 -8.41 22.46 -7.55
N SER B 23 -9.65 22.05 -7.31
CA SER B 23 -10.75 23.01 -7.21
C SER B 23 -11.18 23.23 -5.77
N GLY B 24 -11.04 24.47 -5.31
CA GLY B 24 -11.46 24.84 -3.97
C GLY B 24 -12.55 25.91 -4.03
N SER B 25 -12.49 26.86 -3.10
CA SER B 25 -13.44 27.94 -3.08
C SER B 25 -12.80 29.24 -2.62
N SER B 26 -13.63 30.19 -2.21
CA SER B 26 -13.18 31.52 -1.82
C SER B 26 -12.28 31.48 -0.58
N SER B 27 -12.75 30.80 0.46
CA SER B 27 -12.08 30.82 1.76
C SER B 27 -10.73 30.12 1.81
N ASN B 28 -10.50 29.14 0.93
CA ASN B 28 -9.25 28.39 1.00
C ASN B 28 -8.24 28.73 -0.12
N ILE B 29 -8.43 28.17 -1.30
CA ILE B 29 -7.50 28.36 -2.41
C ILE B 29 -7.45 29.82 -2.85
N GLY B 30 -8.60 30.49 -2.80
CA GLY B 30 -8.69 31.88 -3.21
C GLY B 30 -7.81 32.82 -2.40
N ASN B 31 -7.80 32.63 -1.08
CA ASN B 31 -7.08 33.54 -0.19
C ASN B 31 -5.68 33.07 0.19
N ASN B 32 -5.42 31.77 0.09
CA ASN B 32 -4.18 31.21 0.61
C ASN B 32 -3.31 30.52 -0.44
N TYR B 33 -2.09 30.17 -0.03
CA TYR B 33 -1.13 29.50 -0.90
C TYR B 33 -1.44 28.02 -1.04
N VAL B 34 -1.16 27.48 -2.23
CA VAL B 34 -1.45 26.09 -2.52
C VAL B 34 -0.17 25.25 -2.58
N SER B 35 -0.18 24.12 -1.88
CA SER B 35 0.94 23.20 -1.91
C SER B 35 0.57 21.89 -2.62
N TRP B 36 1.57 21.20 -3.15
CA TRP B 36 1.36 19.94 -3.84
C TRP B 36 2.24 18.83 -3.27
N TYR B 37 1.68 17.62 -3.18
CA TYR B 37 2.39 16.49 -2.61
C TYR B 37 2.40 15.29 -3.56
N GLN B 38 3.44 14.46 -3.45
CA GLN B 38 3.49 13.19 -4.15
C GLN B 38 3.50 12.04 -3.15
N GLN B 39 2.59 11.09 -3.30
CA GLN B 39 2.58 9.94 -2.41
C GLN B 39 2.73 8.62 -3.17
N LEU B 40 3.96 8.12 -3.21
CA LEU B 40 4.23 6.80 -3.73
C LEU B 40 3.60 5.78 -2.79
N PRO B 41 3.10 4.66 -3.35
CA PRO B 41 2.45 3.61 -2.55
C PRO B 41 3.32 3.13 -1.38
N GLY B 42 2.77 3.19 -0.17
CA GLY B 42 3.47 2.73 1.01
C GLY B 42 4.37 3.77 1.67
N THR B 43 4.39 4.98 1.12
CA THR B 43 5.25 6.03 1.67
C THR B 43 4.45 7.25 2.10
N ALA B 44 5.08 8.11 2.89
CA ALA B 44 4.46 9.35 3.32
C ALA B 44 4.46 10.35 2.17
N PRO B 45 3.48 11.27 2.16
CA PRO B 45 3.47 12.32 1.13
C PRO B 45 4.77 13.13 1.15
N LYS B 46 5.26 13.47 -0.04
CA LYS B 46 6.44 14.33 -0.17
C LYS B 46 6.07 15.58 -0.95
N LYS B 47 6.41 16.75 -0.41
CA LYS B 47 6.01 18.00 -1.03
C LYS B 47 6.77 18.24 -2.33
N LEU B 48 6.03 18.68 -3.35
CA LEU B 48 6.60 18.98 -4.66
C LEU B 48 6.61 20.48 -4.89
N ILE B 49 5.53 21.12 -4.48
CA ILE B 49 5.34 22.55 -4.69
C ILE B 49 4.84 23.21 -3.41
N TYR B 50 5.41 24.36 -3.08
CA TYR B 50 4.89 25.18 -1.99
C TYR B 50 4.69 26.59 -2.50
N ASP B 51 3.82 27.35 -1.82
CA ASP B 51 3.54 28.74 -2.19
C ASP B 51 3.18 28.87 -3.68
N ASN B 52 2.21 28.06 -4.11
CA ASN B 52 1.68 28.10 -5.48
C ASN B 52 2.65 27.63 -6.56
N ASN B 53 3.88 28.14 -6.54
CA ASN B 53 4.76 27.99 -7.69
C ASN B 53 6.17 27.46 -7.38
N LYS B 54 6.49 27.23 -6.12
CA LYS B 54 7.88 27.09 -5.73
C LYS B 54 8.30 25.66 -5.39
N ARG B 55 9.48 25.28 -5.87
CA ARG B 55 10.03 23.94 -5.66
C ARG B 55 11.13 23.90 -4.60
N PRO B 56 10.94 23.05 -3.58
CA PRO B 56 12.00 22.82 -2.58
C PRO B 56 13.17 22.06 -3.20
N SER B 57 14.32 22.08 -2.53
CA SER B 57 15.52 21.42 -3.05
C SER B 57 15.31 19.92 -3.17
N GLY B 58 15.78 19.35 -4.27
CA GLY B 58 15.64 17.92 -4.51
C GLY B 58 14.61 17.62 -5.58
N ILE B 59 13.55 18.41 -5.62
CA ILE B 59 12.47 18.23 -6.61
C ILE B 59 12.90 18.74 -7.98
N PRO B 60 12.94 17.83 -8.97
CA PRO B 60 13.34 18.20 -10.34
C PRO B 60 12.39 19.22 -10.96
N ASP B 61 12.85 19.95 -11.97
CA ASP B 61 12.05 21.01 -12.56
C ASP B 61 11.00 20.47 -13.53
N ARG B 62 10.82 19.15 -13.54
CA ARG B 62 9.75 18.53 -14.29
C ARG B 62 8.41 18.84 -13.65
N PHE B 63 8.45 19.18 -12.36
CA PHE B 63 7.25 19.50 -11.61
C PHE B 63 7.05 21.01 -11.51
N SER B 64 5.84 21.46 -11.77
CA SER B 64 5.52 22.89 -11.70
C SER B 64 4.10 23.10 -11.20
N GLY B 65 3.80 24.32 -10.77
CA GLY B 65 2.50 24.65 -10.24
C GLY B 65 2.06 26.05 -10.60
N SER B 66 0.75 26.27 -10.63
CA SER B 66 0.18 27.58 -10.90
C SER B 66 -1.16 27.72 -10.19
N LYS B 67 -1.57 28.97 -9.98
CA LYS B 67 -2.82 29.25 -9.29
C LYS B 67 -3.60 30.34 -10.01
N SER B 68 -4.90 30.11 -10.20
CA SER B 68 -5.75 31.07 -10.88
C SER B 68 -7.14 31.09 -10.26
N GLY B 69 -7.40 32.08 -9.41
CA GLY B 69 -8.66 32.17 -8.71
C GLY B 69 -8.79 31.12 -7.64
N THR B 70 -9.86 30.33 -7.70
CA THR B 70 -10.08 29.28 -6.73
C THR B 70 -9.69 27.92 -7.29
N SER B 71 -8.75 27.92 -8.23
CA SER B 71 -8.28 26.69 -8.84
C SER B 71 -6.75 26.68 -8.96
N ALA B 72 -6.14 25.56 -8.58
CA ALA B 72 -4.69 25.39 -8.70
C ALA B 72 -4.38 24.21 -9.61
N THR B 73 -3.19 24.22 -10.20
CA THR B 73 -2.81 23.17 -11.15
C THR B 73 -1.37 22.70 -10.93
N LEU B 74 -1.19 21.39 -10.90
CA LEU B 74 0.13 20.78 -10.86
C LEU B 74 0.49 20.22 -12.24
N GLY B 75 1.68 20.54 -12.70
CA GLY B 75 2.13 20.09 -14.00
C GLY B 75 3.37 19.21 -13.91
N ILE B 76 3.31 18.06 -14.58
CA ILE B 76 4.44 17.14 -14.65
C ILE B 76 4.86 16.93 -16.10
N THR B 77 6.03 17.44 -16.46
CA THR B 77 6.54 17.28 -17.81
C THR B 77 7.51 16.10 -17.88
N GLY B 78 7.62 15.51 -19.07
CA GLY B 78 8.55 14.40 -19.29
C GLY B 78 8.31 13.25 -18.34
N LEU B 79 7.13 12.65 -18.44
CA LEU B 79 6.73 11.57 -17.53
C LEU B 79 7.73 10.43 -17.50
N GLN B 80 7.98 9.92 -16.30
CA GLN B 80 8.83 8.75 -16.11
C GLN B 80 8.03 7.68 -15.39
N THR B 81 8.49 6.44 -15.46
CA THR B 81 7.77 5.33 -14.86
C THR B 81 7.77 5.39 -13.33
N GLY B 82 8.64 6.23 -12.77
CA GLY B 82 8.68 6.41 -11.33
C GLY B 82 7.68 7.41 -10.84
N ASP B 83 6.99 8.07 -11.77
CA ASP B 83 6.05 9.14 -11.41
C ASP B 83 4.68 8.60 -11.01
N GLU B 84 4.49 7.29 -11.14
CA GLU B 84 3.23 6.67 -10.73
C GLU B 84 3.01 6.80 -9.24
N ALA B 85 2.01 7.59 -8.85
CA ALA B 85 1.69 7.82 -7.45
C ALA B 85 0.37 8.57 -7.31
N ASP B 86 -0.05 8.78 -6.07
CA ASP B 86 -1.18 9.66 -5.79
C ASP B 86 -0.66 11.09 -5.58
N TYR B 87 -1.37 12.06 -6.12
CA TYR B 87 -0.97 13.45 -6.00
C TYR B 87 -2.05 14.28 -5.31
N TYR B 88 -1.67 14.94 -4.23
CA TYR B 88 -2.60 15.73 -3.44
C TYR B 88 -2.31 17.22 -3.53
N CYS B 89 -3.36 18.03 -3.52
CA CYS B 89 -3.20 19.46 -3.35
C CYS B 89 -3.51 19.80 -1.90
N GLY B 90 -2.95 20.89 -1.40
CA GLY B 90 -3.18 21.30 -0.03
C GLY B 90 -3.11 22.80 0.14
N THR B 91 -3.96 23.33 1.02
CA THR B 91 -3.95 24.75 1.35
C THR B 91 -4.51 24.97 2.75
N TRP B 92 -4.75 26.22 3.10
CA TRP B 92 -5.32 26.55 4.40
C TRP B 92 -6.75 27.04 4.24
N ASP B 93 -7.61 26.70 5.20
CA ASP B 93 -9.00 27.12 5.15
C ASP B 93 -9.17 28.56 5.65
N SER B 94 -10.40 28.93 5.99
CA SER B 94 -10.69 30.25 6.52
C SER B 94 -10.08 30.44 7.90
N SER B 95 -9.83 29.33 8.60
CA SER B 95 -9.28 29.38 9.95
C SER B 95 -7.77 29.09 9.95
N LEU B 96 -7.17 29.11 8.77
CA LEU B 96 -5.75 28.80 8.59
C LEU B 96 -5.36 27.41 9.07
N ASN B 97 -6.31 26.48 9.00
CA ASN B 97 -6.02 25.07 9.28
C ASN B 97 -5.79 24.32 7.98
N PRO B 98 -4.87 23.32 8.00
CA PRO B 98 -4.55 22.59 6.78
C PRO B 98 -5.76 21.85 6.20
N VAL B 99 -5.98 22.00 4.90
CA VAL B 99 -6.97 21.20 4.20
C VAL B 99 -6.35 20.56 2.97
N PHE B 100 -6.89 19.43 2.54
CA PHE B 100 -6.32 18.70 1.42
C PHE B 100 -7.38 18.28 0.40
N GLY B 101 -6.93 17.97 -0.80
CA GLY B 101 -7.81 17.41 -1.82
C GLY B 101 -7.97 15.91 -1.63
N GLY B 102 -8.83 15.30 -2.43
CA GLY B 102 -9.09 13.88 -2.34
C GLY B 102 -7.99 13.02 -2.94
N GLY B 103 -7.20 13.61 -3.83
CA GLY B 103 -6.10 12.92 -4.44
C GLY B 103 -6.33 12.55 -5.89
N THR B 104 -5.24 12.35 -6.63
CA THR B 104 -5.31 11.96 -8.02
C THR B 104 -4.28 10.89 -8.34
N LYS B 105 -4.76 9.76 -8.86
CA LYS B 105 -3.89 8.66 -9.25
C LYS B 105 -3.30 8.90 -10.63
N LEU B 106 -1.97 8.88 -10.72
CA LEU B 106 -1.31 9.01 -12.01
C LEU B 106 -1.01 7.64 -12.60
N GLU B 107 -1.49 7.40 -13.82
CA GLU B 107 -1.22 6.15 -14.52
C GLU B 107 -0.41 6.38 -15.78
N ILE B 108 0.72 5.69 -15.89
CA ILE B 108 1.54 5.79 -17.08
C ILE B 108 1.00 4.87 -18.18
N LYS B 109 0.62 5.46 -19.30
CA LYS B 109 0.12 4.70 -20.44
C LYS B 109 1.28 4.09 -21.21
N ARG B 110 1.24 2.78 -21.41
CA ARG B 110 2.27 2.10 -22.16
C ARG B 110 1.68 1.15 -23.20
N THR B 111 2.53 0.40 -23.87
CA THR B 111 2.08 -0.58 -24.85
C THR B 111 1.47 -1.78 -24.15
N VAL B 112 0.51 -2.41 -24.82
CA VAL B 112 -0.17 -3.60 -24.29
C VAL B 112 0.83 -4.69 -23.96
N ALA B 113 0.69 -5.30 -22.78
CA ALA B 113 1.59 -6.35 -22.35
C ALA B 113 0.82 -7.58 -21.88
N ALA B 114 1.13 -8.72 -22.48
CA ALA B 114 0.49 -9.98 -22.11
C ALA B 114 1.00 -10.48 -20.77
N PRO B 115 0.08 -10.97 -19.91
CA PRO B 115 0.45 -11.47 -18.58
C PRO B 115 1.15 -12.82 -18.64
N SER B 116 2.11 -13.02 -17.75
CA SER B 116 2.68 -14.34 -17.52
C SER B 116 1.87 -15.05 -16.45
N VAL B 117 1.47 -16.28 -16.71
CA VAL B 117 0.60 -17.00 -15.78
C VAL B 117 1.32 -18.16 -15.08
N PHE B 118 1.28 -18.13 -13.76
CA PHE B 118 1.86 -19.19 -12.94
C PHE B 118 0.81 -19.69 -11.96
N ILE B 119 0.88 -20.96 -11.59
CA ILE B 119 -0.06 -21.50 -10.61
C ILE B 119 0.68 -22.22 -9.50
N PHE B 120 0.14 -22.16 -8.29
CA PHE B 120 0.77 -22.75 -7.13
C PHE B 120 -0.18 -23.68 -6.39
N PRO B 121 0.14 -24.99 -6.39
CA PRO B 121 -0.62 -25.95 -5.58
C PRO B 121 -0.49 -25.62 -4.10
N PRO B 122 -1.45 -26.05 -3.28
CA PRO B 122 -1.33 -25.81 -1.83
C PRO B 122 -0.10 -26.51 -1.26
N SER B 123 0.51 -25.92 -0.23
CA SER B 123 1.66 -26.52 0.40
C SER B 123 1.22 -27.62 1.36
N ASP B 124 2.11 -28.57 1.61
CA ASP B 124 1.84 -29.66 2.53
C ASP B 124 1.58 -29.14 3.93
N GLU B 125 2.30 -28.08 4.31
CA GLU B 125 2.15 -27.49 5.63
C GLU B 125 0.74 -26.97 5.85
N GLN B 126 0.18 -26.29 4.85
CA GLN B 126 -1.19 -25.80 4.97
C GLN B 126 -2.16 -26.96 4.96
N LEU B 127 -1.88 -27.97 4.14
CA LEU B 127 -2.74 -29.16 4.07
C LEU B 127 -2.87 -29.82 5.43
N LYS B 128 -1.76 -29.91 6.16
CA LYS B 128 -1.76 -30.51 7.49
C LYS B 128 -2.67 -29.77 8.46
N SER B 129 -2.82 -28.47 8.25
CA SER B 129 -3.65 -27.65 9.12
C SER B 129 -5.13 -27.80 8.79
N GLY B 130 -5.43 -28.35 7.61
CA GLY B 130 -6.79 -28.63 7.23
C GLY B 130 -7.38 -27.69 6.19
N THR B 131 -6.51 -26.99 5.47
CA THR B 131 -6.96 -26.02 4.47
C THR B 131 -6.08 -26.09 3.23
N ALA B 132 -6.66 -25.75 2.08
CA ALA B 132 -5.90 -25.72 0.82
C ALA B 132 -6.15 -24.43 0.06
N SER B 133 -5.12 -23.59 -0.02
CA SER B 133 -5.18 -22.38 -0.81
C SER B 133 -4.44 -22.57 -2.12
N VAL B 134 -5.12 -22.28 -3.23
CA VAL B 134 -4.50 -22.40 -4.55
C VAL B 134 -4.30 -21.01 -5.11
N VAL B 135 -3.07 -20.71 -5.51
CA VAL B 135 -2.74 -19.35 -5.96
C VAL B 135 -2.43 -19.31 -7.45
N CYS B 136 -3.02 -18.34 -8.13
CA CYS B 136 -2.74 -18.09 -9.54
C CYS B 136 -2.11 -16.70 -9.70
N LEU B 137 -0.95 -16.66 -10.34
CA LEU B 137 -0.23 -15.40 -10.53
C LEU B 137 -0.27 -14.93 -11.97
N LEU B 138 -0.72 -13.70 -12.17
CA LEU B 138 -0.68 -13.04 -13.46
C LEU B 138 0.36 -11.93 -13.40
N ASN B 139 1.49 -12.10 -14.07
CA ASN B 139 2.62 -11.21 -13.86
C ASN B 139 2.91 -10.24 -15.01
N ASN B 140 3.13 -8.98 -14.63
CA ASN B 140 3.61 -7.92 -15.53
C ASN B 140 2.78 -7.73 -16.81
N PHE B 141 1.54 -7.32 -16.65
CA PHE B 141 0.66 -7.09 -17.79
C PHE B 141 0.13 -5.66 -17.84
N TYR B 142 -0.30 -5.25 -19.03
CA TYR B 142 -0.92 -3.96 -19.24
C TYR B 142 -1.84 -4.05 -20.46
N PRO B 143 -3.04 -3.47 -20.38
CA PRO B 143 -3.61 -2.67 -19.30
C PRO B 143 -4.06 -3.47 -18.08
N ARG B 144 -4.68 -2.77 -17.14
CA ARG B 144 -5.01 -3.33 -15.81
C ARG B 144 -6.08 -4.42 -15.84
N GLU B 145 -7.08 -4.26 -16.69
CA GLU B 145 -8.21 -5.19 -16.73
C GLU B 145 -7.75 -6.62 -17.01
N ALA B 146 -8.25 -7.56 -16.22
CA ALA B 146 -7.93 -8.96 -16.43
C ALA B 146 -9.06 -9.84 -15.92
N LYS B 147 -9.30 -10.94 -16.63
CA LYS B 147 -10.31 -11.90 -16.23
C LYS B 147 -9.64 -13.20 -15.76
N VAL B 148 -9.87 -13.55 -14.50
CA VAL B 148 -9.36 -14.80 -13.97
C VAL B 148 -10.53 -15.69 -13.52
N GLN B 149 -10.60 -16.89 -14.09
CA GLN B 149 -11.63 -17.83 -13.70
C GLN B 149 -11.04 -19.14 -13.20
N TRP B 150 -11.50 -19.58 -12.04
CA TRP B 150 -11.08 -20.85 -11.47
C TRP B 150 -11.98 -21.99 -11.92
N LYS B 151 -11.37 -23.12 -12.27
CA LYS B 151 -12.14 -24.31 -12.62
C LYS B 151 -11.64 -25.51 -11.84
N VAL B 152 -12.56 -26.14 -11.10
CA VAL B 152 -12.24 -27.33 -10.33
C VAL B 152 -13.02 -28.51 -10.92
N ASP B 153 -12.29 -29.43 -11.55
CA ASP B 153 -12.89 -30.50 -12.35
C ASP B 153 -13.87 -29.92 -13.37
N ASN B 154 -13.44 -28.85 -14.04
CA ASN B 154 -14.21 -28.14 -15.05
C ASN B 154 -15.48 -27.47 -14.51
N ALA B 155 -15.62 -27.44 -13.18
CA ALA B 155 -16.69 -26.69 -12.56
C ALA B 155 -16.22 -25.26 -12.28
N LEU B 156 -16.89 -24.29 -12.88
CA LEU B 156 -16.54 -22.89 -12.69
C LEU B 156 -16.81 -22.46 -11.25
N GLN B 157 -15.82 -21.82 -10.63
CA GLN B 157 -15.96 -21.34 -9.27
C GLN B 157 -16.46 -19.90 -9.27
N SER B 158 -17.40 -19.60 -8.40
CA SER B 158 -17.96 -18.25 -8.34
C SER B 158 -18.16 -17.82 -6.90
N GLY B 159 -17.56 -16.69 -6.54
CA GLY B 159 -17.63 -16.18 -5.17
C GLY B 159 -16.73 -16.96 -4.24
N ASN B 160 -15.94 -17.85 -4.82
CA ASN B 160 -15.12 -18.79 -4.07
C ASN B 160 -13.66 -18.36 -3.95
N SER B 161 -13.34 -17.23 -4.55
CA SER B 161 -11.94 -16.79 -4.61
C SER B 161 -11.81 -15.29 -4.43
N GLN B 162 -10.62 -14.86 -4.01
CA GLN B 162 -10.33 -13.44 -3.84
C GLN B 162 -9.06 -13.05 -4.60
N GLU B 163 -9.08 -11.86 -5.18
CA GLU B 163 -7.94 -11.37 -5.93
C GLU B 163 -7.54 -9.96 -5.51
N SER B 164 -6.31 -9.59 -5.79
CA SER B 164 -5.86 -8.20 -5.61
C SER B 164 -4.80 -7.88 -6.65
N VAL B 165 -4.64 -6.59 -6.92
CA VAL B 165 -3.73 -6.13 -7.96
C VAL B 165 -2.70 -5.16 -7.38
N THR B 166 -1.43 -5.34 -7.75
CA THR B 166 -0.40 -4.40 -7.32
C THR B 166 -0.60 -3.03 -7.96
N GLU B 167 0.10 -2.03 -7.45
CA GLU B 167 0.17 -0.74 -8.10
C GLU B 167 1.07 -0.86 -9.32
N GLN B 168 1.00 0.11 -10.22
CA GLN B 168 1.79 0.08 -11.44
C GLN B 168 3.28 -0.01 -11.13
N ASP B 169 3.95 -0.99 -11.73
CA ASP B 169 5.37 -1.24 -11.47
C ASP B 169 6.23 -0.02 -11.78
N SER B 170 7.24 0.22 -10.93
CA SER B 170 8.07 1.42 -11.06
C SER B 170 9.02 1.36 -12.26
N LYS B 171 9.23 0.16 -12.79
CA LYS B 171 10.17 -0.02 -13.91
C LYS B 171 9.49 -0.07 -15.27
N ASP B 172 8.60 -1.04 -15.46
CA ASP B 172 7.98 -1.23 -16.78
C ASP B 172 6.51 -0.82 -16.82
N SER B 173 6.03 -0.18 -15.74
CA SER B 173 4.66 0.34 -15.66
C SER B 173 3.60 -0.72 -15.92
N THR B 174 3.84 -1.94 -15.44
CA THR B 174 2.87 -3.01 -15.60
C THR B 174 2.14 -3.32 -14.29
N TYR B 175 1.13 -4.15 -14.38
CA TYR B 175 0.41 -4.61 -13.20
C TYR B 175 0.68 -6.10 -12.96
N SER B 176 0.37 -6.55 -11.75
CA SER B 176 0.38 -7.98 -11.46
C SER B 176 -0.85 -8.31 -10.64
N LEU B 177 -1.35 -9.53 -10.77
CA LEU B 177 -2.55 -9.94 -10.09
C LEU B 177 -2.35 -11.27 -9.39
N SER B 178 -2.85 -11.37 -8.16
CA SER B 178 -2.80 -12.61 -7.40
C SER B 178 -4.20 -13.05 -7.01
N SER B 179 -4.61 -14.23 -7.48
CA SER B 179 -5.91 -14.79 -7.14
C SER B 179 -5.75 -16.03 -6.26
N THR B 180 -6.46 -16.05 -5.13
CA THR B 180 -6.39 -17.18 -4.21
C THR B 180 -7.72 -17.94 -4.17
N LEU B 181 -7.66 -19.24 -4.46
CA LEU B 181 -8.82 -20.12 -4.30
C LEU B 181 -8.61 -20.99 -3.05
N THR B 182 -9.51 -20.86 -2.08
CA THR B 182 -9.33 -21.57 -0.82
C THR B 182 -10.42 -22.63 -0.59
N LEU B 183 -9.98 -23.85 -0.30
CA LEU B 183 -10.88 -24.95 -0.01
C LEU B 183 -10.52 -25.62 1.31
N SER B 184 -11.49 -26.29 1.92
CA SER B 184 -11.19 -27.17 3.03
C SER B 184 -10.37 -28.35 2.53
N LYS B 185 -9.59 -28.98 3.40
CA LYS B 185 -8.78 -30.12 3.00
C LYS B 185 -9.67 -31.23 2.44
N ALA B 186 -10.80 -31.47 3.11
CA ALA B 186 -11.76 -32.48 2.69
C ALA B 186 -12.25 -32.24 1.27
N ASP B 187 -12.66 -31.01 0.99
CA ASP B 187 -13.15 -30.65 -0.35
C ASP B 187 -12.04 -30.71 -1.37
N TYR B 188 -10.83 -30.33 -0.97
CA TYR B 188 -9.68 -30.36 -1.87
C TYR B 188 -9.38 -31.78 -2.35
N GLU B 189 -9.65 -32.76 -1.49
CA GLU B 189 -9.35 -34.16 -1.80
C GLU B 189 -10.52 -34.87 -2.48
N LYS B 190 -11.53 -34.10 -2.88
CA LYS B 190 -12.67 -34.65 -3.60
C LYS B 190 -12.59 -34.27 -5.08
N HIS B 191 -11.46 -33.69 -5.48
CA HIS B 191 -11.30 -33.22 -6.84
C HIS B 191 -9.89 -33.47 -7.35
N LYS B 192 -9.71 -33.45 -8.67
CA LYS B 192 -8.41 -33.73 -9.26
C LYS B 192 -7.81 -32.53 -9.97
N VAL B 193 -8.53 -31.97 -10.94
CA VAL B 193 -7.97 -30.93 -11.78
C VAL B 193 -8.30 -29.53 -11.27
N TYR B 194 -7.26 -28.78 -10.93
CA TYR B 194 -7.42 -27.39 -10.51
C TYR B 194 -6.82 -26.47 -11.55
N ALA B 195 -7.63 -25.58 -12.10
CA ALA B 195 -7.19 -24.77 -13.23
C ALA B 195 -7.44 -23.28 -13.05
N CYS B 196 -6.56 -22.49 -13.64
CA CYS B 196 -6.68 -21.05 -13.67
C CYS B 196 -6.77 -20.59 -15.12
N GLU B 197 -7.86 -19.91 -15.46
CA GLU B 197 -8.07 -19.45 -16.83
C GLU B 197 -7.96 -17.94 -16.89
N VAL B 198 -7.09 -17.45 -17.77
CA VAL B 198 -6.78 -16.03 -17.84
C VAL B 198 -7.13 -15.42 -19.19
N THR B 199 -7.92 -14.35 -19.15
CA THR B 199 -8.25 -13.61 -20.37
C THR B 199 -7.70 -12.20 -20.27
N HIS B 200 -6.96 -11.78 -21.29
CA HIS B 200 -6.39 -10.44 -21.33
C HIS B 200 -6.36 -9.91 -22.74
N GLN B 201 -6.33 -8.59 -22.87
CA GLN B 201 -6.24 -7.92 -24.16
C GLN B 201 -5.03 -8.39 -24.97
N GLY B 202 -3.93 -8.68 -24.26
CA GLY B 202 -2.69 -9.07 -24.91
C GLY B 202 -2.62 -10.53 -25.29
N LEU B 203 -3.67 -11.28 -24.95
CA LEU B 203 -3.72 -12.69 -25.28
C LEU B 203 -4.68 -12.96 -26.42
N SER B 204 -4.17 -13.58 -27.48
CA SER B 204 -4.99 -13.92 -28.65
C SER B 204 -6.12 -14.85 -28.26
N SER B 205 -5.86 -15.72 -27.29
CA SER B 205 -6.85 -16.63 -26.75
C SER B 205 -6.61 -16.81 -25.26
N PRO B 206 -7.65 -17.19 -24.50
CA PRO B 206 -7.51 -17.45 -23.07
C PRO B 206 -6.40 -18.46 -22.74
N VAL B 207 -5.54 -18.10 -21.80
CA VAL B 207 -4.47 -18.98 -21.34
C VAL B 207 -4.91 -19.76 -20.12
N THR B 208 -4.63 -21.05 -20.10
CA THR B 208 -5.00 -21.90 -18.97
C THR B 208 -3.78 -22.54 -18.33
N LYS B 209 -3.71 -22.46 -17.01
CA LYS B 209 -2.65 -23.13 -16.25
C LYS B 209 -3.29 -24.03 -15.21
N SER B 210 -2.91 -25.30 -15.20
CA SER B 210 -3.56 -26.26 -14.33
C SER B 210 -2.62 -27.33 -13.78
N PHE B 211 -3.07 -28.00 -12.73
CA PHE B 211 -2.34 -29.12 -12.16
C PHE B 211 -3.34 -30.14 -11.61
N ASN B 212 -2.88 -31.38 -11.45
CA ASN B 212 -3.71 -32.39 -10.82
C ASN B 212 -3.27 -32.60 -9.37
N ARG B 213 -4.22 -32.75 -8.47
CA ARG B 213 -3.92 -33.06 -7.09
C ARG B 213 -3.15 -34.36 -6.97
N GLY B 214 -1.95 -34.30 -6.41
CA GLY B 214 -1.18 -35.50 -6.14
C GLY B 214 0.08 -35.66 -6.96
N GLU B 215 0.27 -34.80 -7.96
CA GLU B 215 1.46 -34.93 -8.82
C GLU B 215 2.61 -34.09 -8.29
N CYS B 216 2.35 -33.26 -7.29
CA CYS B 216 3.39 -32.45 -6.67
C CYS B 216 3.68 -32.88 -5.24
#